data_8SLM
#
_entry.id   8SLM
#
_cell.length_a   120.770
_cell.length_b   120.770
_cell.length_c   100.660
_cell.angle_alpha   90.00
_cell.angle_beta   90.00
_cell.angle_gamma   120.00
#
_symmetry.space_group_name_H-M   'P 63 2 2'
#
loop_
_entity.id
_entity.type
_entity.pdbx_description
1 polymer 'Zn dependent hydrolase fused to HTH domain, IrrE ortholog'
2 non-polymer 'SULFATE ION'
3 non-polymer 'MANGANESE (II) ION'
#
_entity_poly.entity_id   1
_entity_poly.type   'polypeptide(L)'
_entity_poly.pdbx_seq_one_letter_code
;GHMTQGQTPPEELSADPSPETGALAPAKARMRELATAYARRLPGLDTHSLMSGLDATLTFMPMGDRDGAYDPEHRVVLIN
SRVRPERQRFTLAHEISHALLLGDDDLLSDLHDAYEGERLEQVIETLCNVGAAAILMPETLIDELLARFGPSGRALAELA
RRADVSASSALYALAERTSVPVLYAVCAVSRLEAESGEERLPEKALTVRASAGSPGVKYSLRPGTLIPDDHPVAVALETR
LPITQESYVPFRSGRRMPAYVDAFPERQRVLVSFALLPKATKGGEQDESGV
;
_entity_poly.pdbx_strand_id   A
#
# COMPACT_ATOMS: atom_id res chain seq x y z
N THR A 21 7.09 -18.48 -10.44
CA THR A 21 6.40 -19.37 -11.41
C THR A 21 5.21 -18.63 -12.03
N GLY A 22 5.32 -18.23 -13.31
CA GLY A 22 4.22 -17.55 -13.99
C GLY A 22 4.69 -16.37 -14.82
N ALA A 23 3.82 -15.83 -15.68
CA ALA A 23 4.19 -14.68 -16.52
C ALA A 23 3.94 -13.36 -15.77
N LEU A 24 3.35 -13.43 -14.57
CA LEU A 24 3.01 -12.20 -13.81
C LEU A 24 4.29 -11.49 -13.37
N ALA A 25 5.27 -12.25 -12.89
CA ALA A 25 6.51 -11.64 -12.36
C ALA A 25 7.21 -10.83 -13.46
N PRO A 26 7.49 -11.41 -14.65
CA PRO A 26 8.11 -10.65 -15.74
C PRO A 26 7.21 -9.48 -16.16
N ALA A 27 5.89 -9.69 -16.16
CA ALA A 27 4.94 -8.62 -16.53
C ALA A 27 5.06 -7.47 -15.52
N LYS A 28 5.16 -7.81 -14.23
CA LYS A 28 5.28 -6.78 -13.17
C LYS A 28 6.55 -5.96 -13.43
N ALA A 29 7.64 -6.63 -13.79
CA ALA A 29 8.92 -5.93 -14.06
C ALA A 29 8.73 -4.94 -15.20
N ARG A 30 8.08 -5.36 -16.28
CA ARG A 30 7.85 -4.47 -17.44
C ARG A 30 6.95 -3.31 -17.02
N MET A 31 5.93 -3.60 -16.20
CA MET A 31 5.01 -2.53 -15.72
C MET A 31 5.83 -1.50 -14.94
N ARG A 32 6.71 -1.97 -14.06
CA ARG A 32 7.56 -1.04 -13.25
C ARG A 32 8.42 -0.21 -14.21
N GLU A 33 8.98 -0.85 -15.23
CA GLU A 33 9.84 -0.14 -16.21
C GLU A 33 9.03 0.99 -16.84
N LEU A 34 7.87 0.66 -17.40
CA LEU A 34 7.04 1.68 -18.09
C LEU A 34 6.64 2.76 -17.08
N ALA A 35 6.21 2.37 -15.89
CA ALA A 35 5.75 3.34 -14.88
C ALA A 35 6.91 4.25 -14.47
N THR A 36 8.08 3.66 -14.19
CA THR A 36 9.25 4.47 -13.77
C THR A 36 9.59 5.47 -14.86
N ALA A 37 9.55 5.03 -16.12
CA ALA A 37 9.88 5.92 -17.26
C ALA A 37 8.89 7.10 -17.27
N TYR A 38 7.59 6.81 -17.22
CA TYR A 38 6.56 7.88 -17.28
C TYR A 38 6.78 8.84 -16.11
N ALA A 39 7.16 8.29 -14.95
CA ALA A 39 7.38 9.13 -13.75
C ALA A 39 8.52 10.11 -14.03
N ARG A 40 9.63 9.61 -14.56
CA ARG A 40 10.82 10.47 -14.80
C ARG A 40 10.45 11.58 -15.78
N ARG A 41 9.54 11.29 -16.73
CA ARG A 41 9.09 12.31 -17.70
C ARG A 41 8.27 13.38 -16.96
N LEU A 42 7.53 12.97 -15.93
CA LEU A 42 6.69 13.93 -15.16
C LEU A 42 7.59 14.95 -14.47
N PRO A 43 7.17 16.23 -14.34
CA PRO A 43 7.96 17.23 -13.64
C PRO A 43 8.08 16.83 -12.17
N GLY A 44 7.01 16.26 -11.60
CA GLY A 44 7.03 15.81 -10.20
C GLY A 44 5.95 14.76 -9.97
N LEU A 45 5.89 14.20 -8.77
CA LEU A 45 4.87 13.17 -8.44
C LEU A 45 3.64 13.85 -7.84
N ASP A 46 3.50 15.15 -8.05
CA ASP A 46 2.33 15.91 -7.52
C ASP A 46 1.07 15.46 -8.27
N THR A 47 -0.08 15.46 -7.58
CA THR A 47 -1.34 14.97 -8.21
C THR A 47 -1.54 15.67 -9.56
N HIS A 48 -1.27 16.97 -9.61
CA HIS A 48 -1.51 17.75 -10.86
C HIS A 48 -0.62 17.20 -11.99
N SER A 49 0.66 16.95 -11.71
CA SER A 49 1.59 16.43 -12.74
C SER A 49 1.07 15.09 -13.26
N LEU A 50 0.59 14.23 -12.35
CA LEU A 50 0.03 12.93 -12.77
C LEU A 50 -1.15 13.19 -13.71
N MET A 51 -2.04 14.11 -13.34
CA MET A 51 -3.22 14.44 -14.18
C MET A 51 -2.74 14.96 -15.53
N SER A 52 -1.63 15.69 -15.54
CA SER A 52 -1.13 16.30 -16.79
C SER A 52 -0.88 15.22 -17.85
N GLY A 53 -0.26 14.11 -17.45
CA GLY A 53 0.09 13.07 -18.43
C GLY A 53 -1.01 12.03 -18.59
N LEU A 54 -2.16 12.26 -17.96
CA LEU A 54 -3.32 11.33 -18.11
C LEU A 54 -3.70 11.25 -19.59
N ASP A 55 -3.63 12.39 -20.30
CA ASP A 55 -3.95 12.41 -21.75
C ASP A 55 -5.40 11.97 -21.96
N ALA A 56 -6.25 12.17 -20.96
CA ALA A 56 -7.69 11.81 -21.09
C ALA A 56 -8.52 12.69 -20.16
N THR A 57 -9.82 12.86 -20.47
CA THR A 57 -10.71 13.67 -19.62
C THR A 57 -10.78 13.04 -18.22
N LEU A 58 -10.61 13.85 -17.17
CA LEU A 58 -10.73 13.32 -15.78
C LEU A 58 -11.79 14.13 -15.03
N THR A 59 -12.70 13.46 -14.34
CA THR A 59 -13.80 14.15 -13.62
C THR A 59 -13.86 13.68 -12.17
N PHE A 60 -13.74 14.61 -11.22
CA PHE A 60 -13.84 14.26 -9.78
C PHE A 60 -15.26 14.54 -9.30
N MET A 61 -16.02 13.49 -8.98
CA MET A 61 -17.43 13.68 -8.55
C MET A 61 -17.68 12.85 -7.29
N PRO A 62 -18.52 13.33 -6.34
CA PRO A 62 -18.86 12.56 -5.15
C PRO A 62 -19.64 11.32 -5.58
N MET A 63 -19.34 10.16 -4.97
CA MET A 63 -20.01 8.89 -5.37
C MET A 63 -19.87 7.85 -4.25
N GLY A 64 -20.40 8.16 -3.07
CA GLY A 64 -20.39 7.19 -1.95
C GLY A 64 -18.98 6.71 -1.63
N ASP A 65 -18.80 5.38 -1.54
CA ASP A 65 -17.48 4.81 -1.22
C ASP A 65 -16.96 3.99 -2.40
N ARG A 66 -15.96 4.51 -3.12
CA ARG A 66 -15.36 3.79 -4.27
C ARG A 66 -14.05 4.47 -4.64
N ASP A 67 -12.99 3.69 -4.89
CA ASP A 67 -11.66 4.28 -5.19
C ASP A 67 -11.75 5.19 -6.40
N GLY A 68 -12.43 4.75 -7.46
CA GLY A 68 -12.54 5.56 -8.69
C GLY A 68 -13.09 4.77 -9.85
N ALA A 69 -12.89 5.25 -11.08
CA ALA A 69 -13.43 4.56 -12.28
C ALA A 69 -12.40 4.61 -13.41
N TYR A 70 -12.50 3.69 -14.37
CA TYR A 70 -11.53 3.63 -15.50
C TYR A 70 -12.03 4.50 -16.66
N ASP A 71 -11.38 4.37 -17.83
CA ASP A 71 -11.78 5.16 -19.02
C ASP A 71 -11.81 4.24 -20.24
N PRO A 72 -12.68 4.51 -21.25
CA PRO A 72 -12.72 3.70 -22.47
C PRO A 72 -11.43 3.91 -23.30
N ARG A 75 -12.41 8.17 -23.66
CA ARG A 75 -11.34 8.02 -22.63
C ARG A 75 -11.58 9.05 -21.51
N VAL A 76 -12.46 8.70 -20.55
CA VAL A 76 -12.77 9.65 -19.43
C VAL A 76 -12.51 8.94 -18.10
N VAL A 77 -11.57 9.47 -17.31
CA VAL A 77 -11.26 8.89 -15.97
C VAL A 77 -12.12 9.60 -14.92
N LEU A 78 -12.61 8.86 -13.93
CA LEU A 78 -13.46 9.46 -12.86
C LEU A 78 -12.86 9.11 -11.50
N ILE A 79 -12.89 10.05 -10.56
CA ILE A 79 -12.36 9.78 -9.19
C ILE A 79 -13.36 10.29 -8.15
N ASN A 80 -13.65 9.47 -7.14
CA ASN A 80 -14.60 9.89 -6.07
C ASN A 80 -13.98 11.05 -5.28
N SER A 81 -14.77 12.08 -4.98
CA SER A 81 -14.25 13.25 -4.24
C SER A 81 -14.52 13.09 -2.74
N ARG A 82 -15.18 12.00 -2.36
CA ARG A 82 -15.48 11.73 -0.93
C ARG A 82 -14.30 10.99 -0.30
N VAL A 83 -13.52 10.30 -1.12
CA VAL A 83 -12.34 9.54 -0.61
C VAL A 83 -11.21 10.54 -0.31
N ARG A 84 -10.26 10.13 0.52
CA ARG A 84 -9.13 11.02 0.88
C ARG A 84 -8.26 11.29 -0.35
N PRO A 85 -7.52 12.41 -0.41
CA PRO A 85 -6.71 12.75 -1.58
C PRO A 85 -5.68 11.66 -1.86
N GLU A 86 -5.11 11.06 -0.82
CA GLU A 86 -4.06 10.02 -1.01
C GLU A 86 -4.63 8.90 -1.89
N ARG A 87 -5.84 8.44 -1.57
CA ARG A 87 -6.46 7.33 -2.34
C ARG A 87 -6.73 7.79 -3.78
N GLN A 88 -7.15 9.04 -3.95
CA GLN A 88 -7.40 9.58 -5.31
C GLN A 88 -6.09 9.56 -6.09
N ARG A 89 -4.98 9.89 -5.44
CA ARG A 89 -3.66 9.87 -6.10
C ARG A 89 -3.39 8.46 -6.62
N PHE A 90 -3.60 7.44 -5.78
CA PHE A 90 -3.33 6.04 -6.19
C PHE A 90 -4.27 5.67 -7.34
N THR A 91 -5.54 6.06 -7.23
CA THR A 91 -6.52 5.76 -8.30
C THR A 91 -6.00 6.35 -9.62
N LEU A 92 -5.51 7.59 -9.59
CA LEU A 92 -5.01 8.27 -10.81
C LEU A 92 -3.81 7.49 -11.36
N ALA A 93 -2.87 7.12 -10.48
CA ALA A 93 -1.68 6.36 -10.92
C ALA A 93 -2.12 5.02 -11.51
N HIS A 94 -3.14 4.40 -10.91
CA HIS A 94 -3.67 3.11 -11.42
C HIS A 94 -4.13 3.29 -12.87
N GLU A 95 -4.91 4.34 -13.14
CA GLU A 95 -5.47 4.56 -14.49
C GLU A 95 -4.32 4.90 -15.45
N ILE A 96 -3.32 5.65 -14.97
CA ILE A 96 -2.14 5.95 -15.83
C ILE A 96 -1.46 4.63 -16.20
N SER A 97 -1.26 3.76 -15.20
CA SER A 97 -0.60 2.46 -15.45
C SER A 97 -1.44 1.63 -16.42
N HIS A 98 -2.77 1.65 -16.26
CA HIS A 98 -3.66 0.89 -17.17
C HIS A 98 -3.45 1.37 -18.61
N ALA A 99 -3.42 2.69 -18.80
CA ALA A 99 -3.18 3.25 -20.15
C ALA A 99 -1.77 2.86 -20.59
N LEU A 100 -0.78 3.02 -19.71
CA LEU A 100 0.58 2.60 -20.05
C LEU A 100 0.62 1.15 -20.50
N LEU A 101 -0.13 0.29 -19.82
CA LEU A 101 -0.21 -1.11 -20.20
C LEU A 101 -0.81 -1.28 -21.59
N LEU A 102 -2.01 -0.72 -21.79
CA LEU A 102 -2.66 -0.81 -23.11
C LEU A 102 -1.83 -0.15 -24.19
N GLY A 103 -0.90 0.72 -23.78
CA GLY A 103 0.00 1.37 -24.75
C GLY A 103 1.01 0.37 -25.30
N ASP A 104 1.81 -0.24 -24.43
CA ASP A 104 2.86 -1.19 -24.89
C ASP A 104 2.18 -2.42 -25.50
N ASP A 105 2.38 -2.63 -26.81
CA ASP A 105 1.74 -3.77 -27.51
C ASP A 105 2.39 -5.07 -27.05
N ASP A 106 3.72 -5.07 -26.86
CA ASP A 106 4.44 -6.29 -26.44
C ASP A 106 3.82 -6.83 -25.16
N LEU A 107 3.80 -6.03 -24.10
CA LEU A 107 3.29 -6.50 -22.79
C LEU A 107 1.86 -7.05 -22.98
N LEU A 108 1.01 -6.29 -23.66
CA LEU A 108 -0.41 -6.72 -23.83
C LEU A 108 -0.44 -8.06 -24.58
N SER A 109 0.33 -8.17 -25.66
CA SER A 109 0.40 -9.45 -26.42
C SER A 109 0.85 -10.56 -25.48
N ASP A 110 1.90 -10.29 -24.69
CA ASP A 110 2.42 -11.32 -23.75
C ASP A 110 1.30 -11.74 -22.79
N LEU A 111 0.56 -10.77 -22.28
CA LEU A 111 -0.52 -11.08 -21.30
C LEU A 111 -1.60 -11.90 -22.00
N HIS A 112 -1.98 -11.51 -23.21
CA HIS A 112 -3.07 -12.22 -23.92
C HIS A 112 -2.59 -13.60 -24.38
N ASP A 113 -1.28 -13.77 -24.50
CA ASP A 113 -0.71 -15.09 -24.91
C ASP A 113 -0.54 -15.96 -23.66
N ALA A 114 -0.89 -15.43 -22.48
CA ALA A 114 -0.67 -16.18 -21.22
C ALA A 114 -1.98 -16.31 -20.43
N TYR A 115 -2.79 -15.25 -20.40
CA TYR A 115 -4.01 -15.27 -19.56
C TYR A 115 -5.23 -14.95 -20.42
N GLU A 116 -6.43 -15.20 -19.88
CA GLU A 116 -7.68 -14.94 -20.62
C GLU A 116 -8.84 -14.82 -19.63
N GLY A 117 -9.85 -14.02 -19.95
CA GLY A 117 -11.04 -13.91 -19.08
C GLY A 117 -10.72 -13.28 -17.74
N GLU A 118 -11.34 -13.79 -16.67
CA GLU A 118 -11.17 -13.18 -15.32
C GLU A 118 -9.69 -13.14 -14.95
N ARG A 119 -8.93 -14.19 -15.24
CA ARG A 119 -7.50 -14.24 -14.84
C ARG A 119 -6.77 -13.04 -15.45
N LEU A 120 -7.02 -12.76 -16.73
CA LEU A 120 -6.34 -11.62 -17.40
C LEU A 120 -6.73 -10.33 -16.68
N GLU A 121 -8.01 -10.18 -16.35
CA GLU A 121 -8.49 -8.95 -15.65
C GLU A 121 -7.76 -8.81 -14.32
N GLN A 122 -7.66 -9.89 -13.56
CA GLN A 122 -6.96 -9.86 -12.26
C GLN A 122 -5.50 -9.46 -12.49
N VAL A 123 -4.86 -10.06 -13.49
CA VAL A 123 -3.42 -9.75 -13.78
C VAL A 123 -3.31 -8.28 -14.13
N ILE A 124 -4.20 -7.78 -14.99
CA ILE A 124 -4.15 -6.35 -15.44
C ILE A 124 -4.31 -5.47 -14.19
N GLU A 125 -5.31 -5.76 -13.36
CA GLU A 125 -5.56 -4.95 -12.15
C GLU A 125 -4.31 -4.98 -11.26
N THR A 126 -3.76 -6.17 -11.04
CA THR A 126 -2.55 -6.30 -10.19
C THR A 126 -1.42 -5.46 -10.80
N LEU A 127 -1.25 -5.56 -12.12
CA LEU A 127 -0.16 -4.82 -12.80
C LEU A 127 -0.41 -3.32 -12.65
N CYS A 128 -1.67 -2.89 -12.79
CA CYS A 128 -2.01 -1.45 -12.65
C CYS A 128 -1.65 -0.99 -11.23
N ASN A 129 -1.99 -1.81 -10.23
CA ASN A 129 -1.63 -1.47 -8.82
C ASN A 129 -0.11 -1.50 -8.67
N VAL A 130 0.55 -2.46 -9.32
CA VAL A 130 2.03 -2.56 -9.27
C VAL A 130 2.62 -1.28 -9.87
N GLY A 131 2.07 -0.84 -10.99
CA GLY A 131 2.58 0.38 -11.66
C GLY A 131 2.28 1.64 -10.86
N ALA A 132 1.08 1.72 -10.28
CA ALA A 132 0.68 2.90 -9.49
C ALA A 132 1.71 3.12 -8.36
N ALA A 133 2.03 2.05 -7.64
CA ALA A 133 3.01 2.15 -6.53
C ALA A 133 4.37 2.56 -7.08
N ALA A 134 4.74 2.04 -8.24
CA ALA A 134 6.06 2.34 -8.84
C ALA A 134 6.17 3.84 -9.12
N ILE A 135 5.07 4.45 -9.59
CA ILE A 135 5.08 5.91 -9.90
C ILE A 135 5.08 6.71 -8.59
N LEU A 136 4.16 6.40 -7.68
CA LEU A 136 4.03 7.21 -6.42
C LEU A 136 5.16 6.89 -5.45
N MET A 137 5.44 5.62 -5.20
CA MET A 137 6.47 5.24 -4.19
C MET A 137 7.69 4.66 -4.91
N PRO A 138 8.73 5.47 -5.20
CA PRO A 138 9.94 4.97 -5.85
C PRO A 138 10.73 4.04 -4.91
N GLU A 139 11.46 3.07 -5.48
CA GLU A 139 12.22 2.11 -4.65
C GLU A 139 13.30 2.87 -3.89
N THR A 140 13.90 3.88 -4.53
CA THR A 140 14.91 4.73 -3.84
C THR A 140 14.30 5.25 -2.54
N LEU A 141 13.15 5.93 -2.62
CA LEU A 141 12.52 6.52 -1.41
C LEU A 141 12.38 5.43 -0.36
N ILE A 142 11.82 4.28 -0.74
CA ILE A 142 11.55 3.20 0.26
C ILE A 142 12.88 2.75 0.90
N ASP A 143 13.90 2.50 0.06
CA ASP A 143 15.20 2.00 0.58
C ASP A 143 15.81 3.08 1.49
N GLU A 144 15.70 4.35 1.10
CA GLU A 144 16.24 5.45 1.93
C GLU A 144 15.53 5.46 3.29
N LEU A 145 14.20 5.38 3.29
CA LEU A 145 13.42 5.43 4.56
C LEU A 145 13.75 4.21 5.41
N LEU A 146 13.85 3.03 4.78
CA LEU A 146 14.21 1.80 5.52
C LEU A 146 15.61 1.97 6.12
N ALA A 147 16.47 2.71 5.42
CA ALA A 147 17.85 2.93 5.91
C ALA A 147 17.84 3.87 7.12
N ARG A 148 17.05 4.94 7.05
CA ARG A 148 17.05 5.96 8.15
C ARG A 148 16.22 5.48 9.33
N PHE A 149 15.03 4.92 9.08
CA PHE A 149 14.12 4.56 10.20
C PHE A 149 14.12 3.05 10.45
N GLY A 150 14.56 2.26 9.49
CA GLY A 150 14.62 0.80 9.65
C GLY A 150 13.29 0.13 9.33
N PRO A 151 13.14 -1.20 9.52
CA PRO A 151 11.86 -1.86 9.30
C PRO A 151 10.93 -1.52 10.47
N SER A 152 10.37 -0.31 10.47
CA SER A 152 9.55 0.13 11.62
C SER A 152 8.25 0.77 11.15
N GLY A 153 7.30 0.96 12.06
CA GLY A 153 6.04 1.64 11.71
C GLY A 153 6.32 3.11 11.42
N ARG A 154 7.40 3.65 11.99
CA ARG A 154 7.78 5.05 11.70
C ARG A 154 8.13 5.17 10.23
N ALA A 155 8.88 4.19 9.70
CA ALA A 155 9.22 4.19 8.26
C ALA A 155 7.94 4.12 7.44
N LEU A 156 6.97 3.32 7.91
CA LEU A 156 5.67 3.22 7.20
C LEU A 156 5.01 4.60 7.19
N ALA A 157 5.00 5.28 8.35
CA ALA A 157 4.40 6.62 8.44
C ALA A 157 5.13 7.57 7.48
N GLU A 158 6.46 7.53 7.48
CA GLU A 158 7.25 8.43 6.62
C GLU A 158 6.89 8.18 5.15
N LEU A 159 6.86 6.92 4.74
CA LEU A 159 6.59 6.60 3.32
C LEU A 159 5.21 7.13 2.94
N ALA A 160 4.20 6.90 3.80
CA ALA A 160 2.83 7.33 3.47
C ALA A 160 2.79 8.85 3.35
N ARG A 161 3.46 9.56 4.26
CA ARG A 161 3.46 11.05 4.25
C ARG A 161 4.34 11.56 3.11
N ARG A 162 5.59 11.11 3.04
CA ARG A 162 6.54 11.63 2.02
C ARG A 162 6.03 11.32 0.60
N ALA A 163 5.20 10.29 0.45
CA ALA A 163 4.69 9.92 -0.88
C ALA A 163 3.22 10.34 -1.01
N ASP A 164 2.64 10.86 0.06
CA ASP A 164 1.20 11.26 0.05
C ASP A 164 0.38 10.08 -0.45
N VAL A 165 0.59 8.91 0.14
CA VAL A 165 -0.15 7.68 -0.27
C VAL A 165 -0.90 7.12 0.94
N SER A 166 -1.86 6.22 0.71
CA SER A 166 -2.58 5.58 1.83
C SER A 166 -1.62 4.68 2.61
N ALA A 167 -1.90 4.45 3.89
CA ALA A 167 -1.03 3.60 4.73
C ALA A 167 -1.02 2.18 4.16
N SER A 168 -2.17 1.70 3.67
CA SER A 168 -2.27 0.33 3.12
C SER A 168 -1.31 0.17 1.94
N SER A 169 -1.31 1.13 1.01
CA SER A 169 -0.44 1.05 -0.18
C SER A 169 1.02 1.03 0.27
N ALA A 170 1.39 1.93 1.18
CA ALA A 170 2.78 2.00 1.68
C ALA A 170 3.13 0.70 2.38
N LEU A 171 2.18 0.14 3.13
CA LEU A 171 2.42 -1.11 3.89
C LEU A 171 2.95 -2.18 2.94
N TYR A 172 2.27 -2.38 1.81
CA TYR A 172 2.67 -3.46 0.87
C TYR A 172 4.04 -3.15 0.26
N ALA A 173 4.25 -1.90 -0.14
CA ALA A 173 5.54 -1.52 -0.77
C ALA A 173 6.69 -1.69 0.22
N LEU A 174 6.52 -1.21 1.46
CA LEU A 174 7.60 -1.29 2.47
C LEU A 174 7.89 -2.76 2.80
N ALA A 175 6.85 -3.56 2.96
CA ALA A 175 7.03 -4.98 3.33
C ALA A 175 7.77 -5.70 2.20
N GLU A 176 7.46 -5.36 0.95
CA GLU A 176 8.08 -6.06 -0.20
C GLU A 176 9.60 -5.84 -0.21
N ARG A 177 10.07 -4.71 0.32
CA ARG A 177 11.53 -4.40 0.25
C ARG A 177 12.18 -4.58 1.62
N THR A 178 11.47 -5.18 2.58
CA THR A 178 12.07 -5.45 3.92
C THR A 178 12.88 -6.75 3.84
N SER A 179 14.15 -6.72 4.24
CA SER A 179 15.03 -7.91 4.10
C SER A 179 15.03 -8.74 5.39
N VAL A 180 14.19 -8.35 6.36
CA VAL A 180 14.15 -9.08 7.67
C VAL A 180 12.71 -9.53 7.93
N PRO A 181 12.48 -10.53 8.80
CA PRO A 181 11.13 -11.01 9.09
C PRO A 181 10.32 -9.96 9.86
N VAL A 182 9.43 -9.26 9.17
CA VAL A 182 8.61 -8.21 9.82
C VAL A 182 7.16 -8.32 9.36
N LEU A 183 6.20 -8.17 10.27
CA LEU A 183 4.76 -8.16 9.89
C LEU A 183 4.23 -6.74 10.11
N TYR A 184 4.27 -5.91 9.06
CA TYR A 184 3.76 -4.52 9.17
C TYR A 184 2.24 -4.55 9.29
N ALA A 185 1.66 -3.54 9.94
CA ALA A 185 0.19 -3.51 10.13
C ALA A 185 -0.31 -2.08 10.27
N VAL A 186 -1.50 -1.79 9.74
CA VAL A 186 -2.12 -0.45 9.91
C VAL A 186 -3.34 -0.65 10.82
N CYS A 187 -3.31 -0.05 12.01
CA CYS A 187 -4.41 -0.28 12.98
C CYS A 187 -5.16 1.03 13.23
N ALA A 188 -6.49 0.95 13.35
CA ALA A 188 -7.31 2.16 13.58
C ALA A 188 -8.63 1.77 14.24
N VAL A 189 -9.40 2.75 14.71
CA VAL A 189 -10.71 2.48 15.37
C VAL A 189 -11.69 2.00 14.30
N SER A 190 -12.48 0.95 14.59
CA SER A 190 -13.38 0.38 13.56
C SER A 190 -14.80 0.21 14.10
N ARG A 191 -15.77 0.04 13.21
CA ARG A 191 -17.19 -0.16 13.63
C ARG A 191 -17.35 -1.57 14.19
N LEU A 192 -16.30 -2.39 14.11
CA LEU A 192 -16.35 -3.77 14.66
C LEU A 192 -17.67 -4.42 14.27
N GLU A 193 -18.49 -4.81 15.25
CA GLU A 193 -19.78 -5.49 14.98
C GLU A 193 -20.88 -4.84 15.82
N GLU A 203 -19.20 -0.60 20.39
CA GLU A 203 -19.40 -0.82 18.93
C GLU A 203 -18.10 -0.48 18.18
N LYS A 204 -17.35 0.51 18.68
CA LYS A 204 -16.10 0.93 18.01
C LYS A 204 -14.89 0.49 18.85
N ALA A 205 -13.81 0.06 18.19
CA ALA A 205 -12.59 -0.38 18.90
C ALA A 205 -11.38 -0.31 17.96
N LEU A 206 -10.17 -0.38 18.53
CA LEU A 206 -8.94 -0.38 17.69
C LEU A 206 -8.81 -1.75 17.02
N THR A 207 -8.85 -1.78 15.69
CA THR A 207 -8.77 -3.07 14.95
C THR A 207 -7.69 -2.99 13.88
N VAL A 208 -7.13 -4.13 13.47
CA VAL A 208 -6.13 -4.14 12.37
C VAL A 208 -6.88 -3.84 11.07
N ARG A 209 -6.62 -2.65 10.49
CA ARG A 209 -7.27 -2.27 9.22
C ARG A 209 -6.59 -3.01 8.06
N ALA A 210 -5.26 -3.12 8.11
CA ALA A 210 -4.51 -3.80 7.03
C ALA A 210 -3.21 -4.38 7.58
N SER A 211 -2.68 -5.42 6.94
CA SER A 211 -1.44 -6.08 7.42
C SER A 211 -0.68 -6.67 6.23
N ALA A 212 0.65 -6.78 6.35
CA ALA A 212 1.48 -7.37 5.28
C ALA A 212 2.78 -7.87 5.90
N GLY A 213 3.37 -8.92 5.32
CA GLY A 213 4.62 -9.49 5.86
C GLY A 213 5.78 -9.34 4.90
N SER A 214 6.99 -9.29 5.43
CA SER A 214 8.20 -9.19 4.58
C SER A 214 8.31 -10.47 3.74
N PRO A 215 9.12 -10.48 2.66
CA PRO A 215 9.18 -11.63 1.76
C PRO A 215 9.18 -13.02 2.42
N GLY A 216 9.81 -13.18 3.59
CA GLY A 216 9.91 -14.52 4.18
C GLY A 216 8.89 -14.83 5.25
N VAL A 217 8.20 -13.82 5.78
CA VAL A 217 7.26 -14.05 6.93
C VAL A 217 6.28 -15.16 6.55
N LYS A 218 6.02 -16.08 7.47
CA LYS A 218 5.10 -17.23 7.21
C LYS A 218 3.84 -17.05 8.05
N TYR A 219 3.48 -15.81 8.37
CA TYR A 219 2.28 -15.54 9.20
C TYR A 219 1.50 -14.36 8.59
N SER A 220 0.23 -14.23 8.96
CA SER A 220 -0.59 -13.10 8.48
C SER A 220 -1.55 -12.66 9.59
N LEU A 221 -1.86 -11.37 9.65
CA LEU A 221 -2.74 -10.85 10.73
C LEU A 221 -4.13 -10.59 10.15
N ARG A 222 -5.15 -11.27 10.68
CA ARG A 222 -6.53 -11.14 10.14
C ARG A 222 -6.99 -9.69 10.24
N PRO A 223 -7.54 -9.09 9.15
CA PRO A 223 -8.10 -7.76 9.23
C PRO A 223 -9.27 -7.79 10.21
N GLY A 224 -9.39 -6.77 11.06
CA GLY A 224 -10.47 -6.75 12.07
C GLY A 224 -10.01 -7.33 13.40
N THR A 225 -8.75 -7.78 13.47
CA THR A 225 -8.20 -8.30 14.75
C THR A 225 -8.21 -7.18 15.78
N LEU A 226 -8.60 -7.47 17.03
CA LEU A 226 -8.73 -6.42 18.06
C LEU A 226 -7.37 -6.19 18.74
N ILE A 227 -7.00 -4.93 18.95
CA ILE A 227 -5.73 -4.60 19.65
C ILE A 227 -6.01 -4.49 21.14
N PRO A 228 -5.39 -5.33 22.00
CA PRO A 228 -5.59 -5.25 23.44
C PRO A 228 -5.29 -3.83 23.94
N ASP A 229 -6.06 -3.35 24.91
CA ASP A 229 -5.87 -1.98 25.46
C ASP A 229 -4.49 -1.90 26.14
N ASP A 230 -4.02 -3.02 26.68
CA ASP A 230 -2.68 -3.05 27.35
C ASP A 230 -1.59 -3.13 26.29
N HIS A 231 -1.96 -3.33 25.01
CA HIS A 231 -0.94 -3.52 23.94
C HIS A 231 -0.24 -2.18 23.64
N PRO A 232 1.06 -2.20 23.28
CA PRO A 232 1.79 -0.98 22.96
C PRO A 232 1.10 -0.15 21.87
N VAL A 233 0.49 -0.81 20.89
CA VAL A 233 -0.17 -0.09 19.76
C VAL A 233 -1.29 0.79 20.34
N ALA A 234 -2.07 0.25 21.28
CA ALA A 234 -3.17 1.01 21.90
C ALA A 234 -2.59 2.17 22.71
N VAL A 235 -1.52 1.90 23.45
CA VAL A 235 -0.87 2.96 24.28
C VAL A 235 -0.44 4.09 23.34
N ALA A 236 0.10 3.74 22.17
CA ALA A 236 0.55 4.76 21.20
C ALA A 236 -0.63 5.65 20.80
N LEU A 237 -1.78 5.03 20.52
CA LEU A 237 -2.96 5.81 20.07
C LEU A 237 -3.37 6.78 21.18
N GLU A 238 -3.40 6.30 22.42
CA GLU A 238 -3.86 7.14 23.57
C GLU A 238 -2.79 8.20 23.89
N THR A 239 -1.54 7.77 24.05
CA THR A 239 -0.44 8.71 24.44
C THR A 239 -0.12 9.67 23.29
N ARG A 240 -0.36 9.25 22.05
CA ARG A 240 0.00 10.08 20.87
C ARG A 240 1.53 10.15 20.78
N LEU A 241 2.21 9.21 21.42
CA LEU A 241 3.70 9.19 21.42
C LEU A 241 4.19 7.90 20.75
N PRO A 242 5.28 7.93 19.97
CA PRO A 242 5.83 6.70 19.38
C PRO A 242 6.21 5.71 20.48
N ILE A 243 5.82 4.45 20.33
CA ILE A 243 6.13 3.40 21.35
C ILE A 243 6.95 2.29 20.68
N THR A 244 8.10 1.95 21.27
CA THR A 244 8.95 0.87 20.71
C THR A 244 9.37 -0.06 21.85
N GLN A 245 8.69 -1.21 21.98
CA GLN A 245 9.00 -2.14 23.09
C GLN A 245 8.82 -3.59 22.61
N GLU A 246 9.31 -4.54 23.40
CA GLU A 246 9.12 -5.98 23.05
C GLU A 246 7.74 -6.41 23.53
N SER A 247 6.95 -7.02 22.66
CA SER A 247 5.57 -7.42 23.01
C SER A 247 5.19 -8.70 22.27
N TYR A 248 3.96 -8.78 21.77
CA TYR A 248 3.48 -10.01 21.10
C TYR A 248 2.56 -9.63 19.94
N VAL A 249 2.39 -10.53 18.98
CA VAL A 249 1.41 -10.27 17.89
C VAL A 249 0.03 -10.58 18.45
N PRO A 250 -0.91 -9.61 18.50
CA PRO A 250 -2.22 -9.84 19.12
C PRO A 250 -3.13 -10.70 18.25
N PHE A 251 -2.87 -12.01 18.20
CA PHE A 251 -3.67 -12.93 17.35
C PHE A 251 -5.07 -13.09 17.94
N ARG A 252 -6.09 -13.24 17.08
CA ARG A 252 -7.49 -13.36 17.54
C ARG A 252 -7.65 -14.69 18.29
N SER A 253 -6.67 -15.58 18.15
CA SER A 253 -6.74 -16.91 18.81
C SER A 253 -6.24 -16.82 20.25
N GLY A 254 -6.04 -15.59 20.75
CA GLY A 254 -5.50 -15.41 22.11
C GLY A 254 -4.04 -15.80 22.15
N ARG A 255 -3.50 -16.27 21.02
CA ARG A 255 -2.06 -16.65 20.93
C ARG A 255 -1.23 -15.37 20.96
N ARG A 256 -0.09 -15.41 21.66
CA ARG A 256 0.78 -14.21 21.77
C ARG A 256 2.17 -14.56 21.21
N MET A 257 2.38 -14.33 19.91
CA MET A 257 3.69 -14.64 19.28
C MET A 257 4.68 -13.54 19.65
N PRO A 258 5.80 -13.86 20.34
CA PRO A 258 6.77 -12.86 20.76
C PRO A 258 7.25 -12.03 19.56
N ALA A 259 7.32 -10.70 19.71
CA ALA A 259 7.81 -9.83 18.63
C ALA A 259 8.19 -8.46 19.17
N TYR A 260 9.11 -7.77 18.51
CA TYR A 260 9.44 -6.38 18.92
C TYR A 260 8.46 -5.45 18.20
N VAL A 261 7.76 -4.59 18.94
CA VAL A 261 6.71 -3.75 18.30
C VAL A 261 7.15 -2.29 18.22
N ASP A 262 7.18 -1.72 17.02
CA ASP A 262 7.47 -0.27 16.87
C ASP A 262 6.17 0.39 16.39
N ALA A 263 5.51 1.15 17.24
CA ALA A 263 4.21 1.74 16.87
C ALA A 263 4.34 3.26 16.72
N PHE A 264 3.92 3.79 15.57
CA PHE A 264 3.93 5.26 15.38
C PHE A 264 2.49 5.75 15.25
N PRO A 265 2.01 6.59 16.19
CA PRO A 265 0.66 7.13 16.13
C PRO A 265 0.56 8.31 15.14
N GLU A 266 -0.49 8.37 14.33
CA GLU A 266 -0.64 9.48 13.36
C GLU A 266 -2.04 9.50 12.75
N ARG A 267 -2.71 10.66 12.77
CA ARG A 267 -4.04 10.80 12.12
C ARG A 267 -5.03 9.74 12.64
N GLN A 268 -5.14 9.58 13.95
CA GLN A 268 -6.14 8.64 14.51
C GLN A 268 -5.89 7.23 13.95
N ARG A 269 -4.68 6.95 13.49
CA ARG A 269 -4.33 5.59 13.03
C ARG A 269 -2.93 5.25 13.53
N VAL A 270 -2.66 3.98 13.80
CA VAL A 270 -1.33 3.60 14.37
C VAL A 270 -0.60 2.71 13.37
N LEU A 271 0.53 3.18 12.82
CA LEU A 271 1.34 2.35 11.90
C LEU A 271 2.27 1.51 12.77
N VAL A 272 2.25 0.19 12.61
CA VAL A 272 3.03 -0.68 13.55
C VAL A 272 3.93 -1.65 12.79
N SER A 273 5.04 -2.05 13.42
CA SER A 273 5.93 -3.07 12.82
C SER A 273 6.08 -4.20 13.83
N PHE A 274 5.76 -5.44 13.42
CA PHE A 274 5.94 -6.61 14.31
C PHE A 274 7.18 -7.39 13.85
N ALA A 275 8.29 -7.22 14.58
CA ALA A 275 9.54 -7.93 14.22
C ALA A 275 9.54 -9.31 14.88
N LEU A 276 9.16 -10.34 14.14
CA LEU A 276 9.11 -11.71 14.70
C LEU A 276 10.52 -12.09 15.13
N LEU A 277 10.68 -12.49 16.41
CA LEU A 277 12.04 -12.84 16.92
C LEU A 277 12.13 -14.36 17.10
N PRO A 278 13.27 -14.99 16.73
CA PRO A 278 13.38 -16.45 16.79
C PRO A 278 12.98 -17.01 18.17
N LYS A 279 13.43 -16.36 19.25
CA LYS A 279 13.11 -16.84 20.61
C LYS A 279 13.50 -18.32 20.74
#